data_5QPT
#
_entry.id   5QPT
#
_cell.length_a   57.878
_cell.length_b   57.878
_cell.length_c   395.526
_cell.angle_alpha   90.000
_cell.angle_beta   90.000
_cell.angle_gamma   120.000
#
_symmetry.space_group_name_H-M   'P 61 2 2'
#
loop_
_entity.id
_entity.type
_entity.pdbx_description
1 polymer 'Farnesyl diphosphate synthase'
2 non-polymer 'SULFATE ION'
3 non-polymer 'ACETATE ION'
4 non-polymer 'ZINC ION'
5 non-polymer '4-[(4-methylphenyl)methyl]-1,4-thiazinane 1,1-dioxide'
6 water water
#
_entity_poly.entity_id   1
_entity_poly.type   'polypeptide(L)'
_entity_poly.pdbx_seq_one_letter_code
;GPMASMERFLSVYDEVQAFLLDQLQSKYEIDPNRARYLRIMMDTTCLGGKYFRGMTVVNVAEGFLAVTQHDEATKERILH
DACVGGWMIEFLQAHYLVEDDIMDGSVMRRGKPCWYRFPGVTTQCAINDGIILKSWTQIMAWHYFADRPFLKDLLCLFQK
VDYATAVGQMYDVTSMCDSNKLDPEVAQPMTTDFAEFTPAIYKRIVKYKTTFYTYLLPLVMGLLVSEAAASVEMNLVERV
AHLIGEYFQVQDDVMDCFTPPEQLGKVGTDIEDAKCSWLAVTFLGKANAAQVAEFKANYGEKDPAKVAVVKRLYSKANLQ
ADFAAYEAEVVREVESLIEQLKVKSPTFAESVAVVWEKTHKRKK
;
_entity_poly.pdbx_strand_id   A
#
# COMPACT_ATOMS: atom_id res chain seq x y z
N MET A 3 4.57 25.82 10.85
CA MET A 3 3.42 24.83 11.10
C MET A 3 3.87 23.37 11.17
N ALA A 4 3.35 22.57 12.12
CA ALA A 4 3.70 21.13 12.14
C ALA A 4 3.09 20.41 10.95
N SER A 5 3.89 19.48 10.50
CA SER A 5 3.58 18.79 9.24
C SER A 5 2.22 18.11 9.18
N MET A 6 1.91 17.40 10.24
CA MET A 6 0.65 16.66 10.25
C MET A 6 -0.57 17.63 10.24
N GLU A 7 -0.54 18.72 11.00
CA GLU A 7 -1.69 19.63 10.97
C GLU A 7 -1.80 20.34 9.64
N ARG A 8 -0.65 20.61 8.99
CA ARG A 8 -0.69 21.05 7.61
C ARG A 8 -1.41 20.06 6.65
N PHE A 9 -0.97 18.86 6.80
CA PHE A 9 -1.53 17.77 5.96
C PHE A 9 -3.03 17.59 6.16
N LEU A 10 -3.45 17.56 7.41
CA LEU A 10 -4.91 17.50 7.73
C LEU A 10 -5.70 18.68 7.32
N SER A 11 -5.07 19.90 7.40
CA SER A 11 -5.73 21.05 6.87
C SER A 11 -5.96 21.03 5.42
N VAL A 12 -4.97 20.47 4.67
CA VAL A 12 -5.09 20.46 3.24
C VAL A 12 -6.20 19.43 2.89
N TYR A 13 -6.34 18.34 3.72
CA TYR A 13 -7.46 17.43 3.47
C TYR A 13 -8.78 18.22 3.44
N ASP A 14 -8.98 19.11 4.40
CA ASP A 14 -10.25 19.85 4.47
C ASP A 14 -10.39 20.75 3.23
N GLU A 15 -9.26 21.37 2.78
CA GLU A 15 -9.27 22.20 1.67
C GLU A 15 -9.63 21.45 0.36
N VAL A 16 -8.97 20.30 0.23
CA VAL A 16 -9.18 19.50 -0.95
C VAL A 16 -10.62 18.94 -1.01
N GLN A 17 -11.09 18.52 0.15
CA GLN A 17 -12.50 18.07 0.27
C GLN A 17 -13.45 19.18 -0.17
N ALA A 18 -13.28 20.38 0.40
CA ALA A 18 -14.13 21.48 0.03
C ALA A 18 -14.12 21.82 -1.42
N PHE A 19 -12.91 21.81 -2.06
CA PHE A 19 -12.74 22.02 -3.43
C PHE A 19 -13.55 20.95 -4.28
N LEU A 20 -13.35 19.68 -3.93
CA LEU A 20 -13.99 18.63 -4.72
C LEU A 20 -15.51 18.78 -4.67
N LEU A 21 -16.02 18.97 -3.43
CA LEU A 21 -17.49 19.07 -3.24
C LEU A 21 -18.02 20.32 -3.85
N ASP A 22 -17.33 21.44 -3.70
CA ASP A 22 -17.75 22.67 -4.35
C ASP A 22 -17.82 22.58 -5.86
N GLN A 23 -16.82 21.92 -6.47
CA GLN A 23 -16.78 21.70 -7.86
C GLN A 23 -17.94 20.78 -8.27
N LEU A 24 -18.23 19.76 -7.47
CA LEU A 24 -19.38 18.94 -7.85
C LEU A 24 -20.65 19.76 -7.92
N GLN A 25 -20.80 20.71 -7.01
CA GLN A 25 -22.02 21.55 -7.05
C GLN A 25 -21.94 22.54 -8.20
N SER A 26 -20.82 23.17 -8.46
CA SER A 26 -20.78 24.19 -9.51
C SER A 26 -20.68 23.75 -10.89
N LYS A 27 -20.14 22.52 -11.14
CA LYS A 27 -19.87 22.02 -12.43
C LYS A 27 -20.58 20.70 -12.80
N TYR A 28 -21.02 19.94 -11.79
CA TYR A 28 -21.55 18.59 -12.05
C TYR A 28 -22.96 18.45 -11.58
N GLU A 29 -23.62 19.53 -11.17
CA GLU A 29 -25.05 19.57 -10.93
C GLU A 29 -25.47 18.72 -9.69
N ILE A 30 -24.53 18.53 -8.76
CA ILE A 30 -24.86 17.73 -7.64
C ILE A 30 -25.78 18.44 -6.75
N ASP A 31 -26.57 17.65 -6.05
CA ASP A 31 -27.51 18.09 -5.05
C ASP A 31 -26.91 17.92 -3.68
N PRO A 32 -27.36 18.64 -2.66
CA PRO A 32 -26.76 18.59 -1.36
C PRO A 32 -26.72 17.26 -0.66
N ASN A 33 -27.69 16.43 -0.93
CA ASN A 33 -27.71 15.15 -0.25
C ASN A 33 -26.64 14.15 -0.79
N ARG A 34 -26.54 14.20 -2.10
CA ARG A 34 -25.46 13.35 -2.76
C ARG A 34 -24.11 13.90 -2.40
N ALA A 35 -23.97 15.23 -2.32
CA ALA A 35 -22.69 15.78 -1.81
C ALA A 35 -22.34 15.31 -0.41
N ARG A 36 -23.33 15.28 0.47
CA ARG A 36 -23.13 14.78 1.77
C ARG A 36 -22.72 13.26 1.79
N TYR A 37 -23.40 12.45 0.98
CA TYR A 37 -23.01 11.05 0.82
C TYR A 37 -21.53 10.97 0.48
N LEU A 38 -21.14 11.74 -0.53
CA LEU A 38 -19.71 11.71 -1.00
C LEU A 38 -18.75 12.20 0.03
N ARG A 39 -19.14 13.22 0.79
CA ARG A 39 -18.37 13.70 1.89
C ARG A 39 -18.07 12.62 2.90
N ILE A 40 -19.18 11.96 3.30
CA ILE A 40 -19.07 10.89 4.28
C ILE A 40 -18.24 9.70 3.73
N MET A 41 -18.44 9.38 2.48
CA MET A 41 -17.63 8.35 1.83
C MET A 41 -16.14 8.66 1.84
N MET A 42 -15.87 9.90 1.49
CA MET A 42 -14.44 10.33 1.50
C MET A 42 -13.83 10.20 2.87
N ASP A 43 -14.56 10.76 3.87
CA ASP A 43 -14.02 10.66 5.21
C ASP A 43 -13.84 9.27 5.71
N THR A 44 -14.84 8.43 5.43
CA THR A 44 -14.81 7.07 5.87
C THR A 44 -13.76 6.23 5.27
N THR A 45 -13.44 6.51 4.02
CA THR A 45 -12.49 5.70 3.32
C THR A 45 -11.07 6.25 3.30
N CYS A 46 -10.93 7.55 3.49
CA CYS A 46 -9.59 8.22 3.38
C CYS A 46 -8.97 8.49 4.75
N LEU A 47 -9.78 8.70 5.78
CA LEU A 47 -9.31 9.08 7.09
C LEU A 47 -9.26 7.95 8.11
N GLY A 48 -8.38 8.10 9.10
CA GLY A 48 -8.35 7.24 10.30
C GLY A 48 -7.12 6.33 10.33
N GLY A 49 -6.39 6.22 9.24
CA GLY A 49 -5.08 5.59 9.20
C GLY A 49 -3.98 6.47 9.77
N LYS A 50 -2.74 6.02 9.54
CA LYS A 50 -1.56 6.75 10.08
C LYS A 50 -1.08 7.81 9.07
N TYR A 51 -1.56 7.70 7.84
CA TYR A 51 -1.14 8.64 6.74
C TYR A 51 0.31 8.46 6.44
N PHE A 52 0.84 7.30 6.63
CA PHE A 52 2.23 7.09 6.36
C PHE A 52 2.65 7.51 4.96
N ARG A 53 1.92 7.07 3.96
CA ARG A 53 2.21 7.30 2.61
C ARG A 53 2.22 8.80 2.32
N GLY A 54 1.13 9.42 2.51
CA GLY A 54 1.03 10.87 2.22
C GLY A 54 2.02 11.67 3.04
N MET A 55 2.20 11.37 4.32
CA MET A 55 3.17 12.11 5.09
C MET A 55 4.60 11.88 4.63
N THR A 56 4.93 10.76 3.98
CA THR A 56 6.26 10.57 3.47
C THR A 56 6.52 11.65 2.38
N VAL A 57 5.52 12.00 1.57
CA VAL A 57 5.76 13.06 0.50
C VAL A 57 6.16 14.38 1.21
N VAL A 58 5.44 14.67 2.26
CA VAL A 58 5.67 15.90 3.03
C VAL A 58 7.07 15.83 3.65
N ASN A 59 7.46 14.70 4.22
CA ASN A 59 8.73 14.62 4.92
C ASN A 59 9.88 14.71 3.94
N VAL A 60 9.76 14.12 2.76
CA VAL A 60 10.82 14.25 1.78
C VAL A 60 10.93 15.73 1.41
N ALA A 61 9.82 16.37 1.14
CA ALA A 61 9.85 17.84 0.78
C ALA A 61 10.44 18.68 1.89
N GLU A 62 10.09 18.43 3.12
CA GLU A 62 10.67 19.17 4.32
C GLU A 62 12.17 18.97 4.37
N GLY A 63 12.69 17.77 4.04
CA GLY A 63 14.13 17.46 3.99
C GLY A 63 14.79 18.39 3.04
N PHE A 64 14.26 18.52 1.82
CA PHE A 64 14.90 19.41 0.84
C PHE A 64 14.81 20.82 1.21
N LEU A 65 13.74 21.23 1.84
CA LEU A 65 13.56 22.64 2.16
C LEU A 65 14.64 23.06 3.08
N ALA A 66 15.12 22.23 3.97
CA ALA A 66 16.12 22.57 4.92
C ALA A 66 17.45 22.80 4.28
N VAL A 67 17.66 22.39 3.05
CA VAL A 67 19.00 22.56 2.40
C VAL A 67 18.97 23.35 1.12
N THR A 68 17.81 23.96 0.76
CA THR A 68 17.66 24.64 -0.47
C THR A 68 17.17 26.05 -0.15
N GLN A 69 17.68 27.04 -0.88
CA GLN A 69 17.26 28.43 -0.67
C GLN A 69 15.98 28.71 -1.46
N HIS A 70 15.00 29.30 -0.77
CA HIS A 70 13.74 29.65 -1.33
C HIS A 70 13.12 30.84 -0.57
N ASP A 71 12.29 31.54 -1.27
CA ASP A 71 11.42 32.56 -0.64
C ASP A 71 10.44 31.80 0.23
N GLU A 72 9.95 32.44 1.30
CA GLU A 72 8.93 31.86 2.18
C GLU A 72 7.75 31.40 1.37
N ALA A 73 7.23 32.18 0.40
CA ALA A 73 6.05 31.85 -0.36
C ALA A 73 6.30 30.56 -1.15
N THR A 74 7.55 30.34 -1.52
CA THR A 74 7.89 29.11 -2.26
C THR A 74 7.96 27.93 -1.32
N LYS A 75 8.47 28.09 -0.14
CA LYS A 75 8.44 27.03 0.86
C LYS A 75 6.95 26.66 1.00
N GLU A 76 6.07 27.59 1.20
CA GLU A 76 4.71 27.28 1.41
C GLU A 76 4.09 26.58 0.28
N ARG A 77 4.36 26.98 -0.95
CA ARG A 77 3.81 26.34 -2.10
C ARG A 77 4.31 24.89 -2.21
N ILE A 78 5.61 24.63 -1.97
CA ILE A 78 6.19 23.29 -2.04
C ILE A 78 5.48 22.44 -1.00
N LEU A 79 5.33 22.93 0.20
CA LEU A 79 4.68 22.13 1.26
C LEU A 79 3.23 21.91 0.90
N HIS A 80 2.52 22.84 0.37
CA HIS A 80 1.14 22.65 -0.03
C HIS A 80 1.08 21.60 -1.11
N ASP A 81 1.94 21.69 -2.12
CA ASP A 81 2.00 20.69 -3.20
C ASP A 81 2.34 19.29 -2.62
N ALA A 82 3.21 19.17 -1.66
CA ALA A 82 3.55 17.88 -1.02
C ALA A 82 2.34 17.32 -0.33
N CYS A 83 1.55 18.18 0.27
CA CYS A 83 0.29 17.70 0.95
C CYS A 83 -0.71 17.26 -0.08
N VAL A 84 -0.94 17.99 -1.14
CA VAL A 84 -1.87 17.61 -2.13
C VAL A 84 -1.42 16.24 -2.76
N GLY A 85 -0.14 16.16 -3.08
CA GLY A 85 0.43 14.91 -3.65
C GLY A 85 0.21 13.75 -2.66
N GLY A 86 0.51 13.96 -1.41
CA GLY A 86 0.32 12.92 -0.33
C GLY A 86 -1.15 12.49 -0.34
N TRP A 87 -2.09 13.41 -0.43
CA TRP A 87 -3.53 12.99 -0.49
C TRP A 87 -3.82 12.25 -1.72
N MET A 88 -3.19 12.57 -2.83
CA MET A 88 -3.43 11.78 -4.01
C MET A 88 -3.09 10.33 -3.66
N ILE A 89 -2.01 10.11 -2.99
CA ILE A 89 -1.65 8.70 -2.68
C ILE A 89 -2.62 8.14 -1.69
N GLU A 90 -3.03 8.88 -0.64
CA GLU A 90 -3.96 8.37 0.32
C GLU A 90 -5.29 7.98 -0.34
N PHE A 91 -5.80 8.80 -1.25
CA PHE A 91 -7.05 8.52 -1.92
C PHE A 91 -6.84 7.34 -2.88
N LEU A 92 -5.67 7.19 -3.52
CA LEU A 92 -5.40 6.02 -4.36
C LEU A 92 -5.43 4.79 -3.48
N GLN A 93 -4.86 4.85 -2.30
CA GLN A 93 -4.93 3.70 -1.36
C GLN A 93 -6.40 3.48 -1.02
N ALA A 94 -7.15 4.50 -0.76
CA ALA A 94 -8.59 4.31 -0.38
C ALA A 94 -9.31 3.60 -1.48
N HIS A 95 -9.12 3.91 -2.74
CA HIS A 95 -9.64 3.20 -3.91
C HIS A 95 -9.31 1.75 -3.83
N TYR A 96 -8.05 1.45 -3.62
CA TYR A 96 -7.56 0.03 -3.50
C TYR A 96 -8.22 -0.71 -2.38
N LEU A 97 -8.35 -0.05 -1.24
CA LEU A 97 -8.93 -0.75 -0.06
C LEU A 97 -10.40 -0.97 -0.24
N VAL A 98 -11.13 -0.01 -0.76
CA VAL A 98 -12.54 -0.22 -1.02
C VAL A 98 -12.75 -1.37 -1.96
N GLU A 99 -12.02 -1.43 -3.05
CA GLU A 99 -12.27 -2.46 -4.04
C GLU A 99 -11.76 -3.80 -3.59
N ASP A 100 -10.60 -3.83 -2.97
CA ASP A 100 -10.03 -5.10 -2.44
C ASP A 100 -10.97 -5.72 -1.38
N ASP A 101 -11.57 -4.90 -0.54
CA ASP A 101 -12.48 -5.41 0.50
C ASP A 101 -13.67 -6.03 -0.20
N ILE A 102 -14.20 -5.44 -1.25
CA ILE A 102 -15.34 -6.06 -1.99
C ILE A 102 -14.91 -7.30 -2.68
N MET A 103 -13.77 -7.23 -3.38
CA MET A 103 -13.23 -8.45 -4.10
C MET A 103 -13.02 -9.64 -3.14
N ASP A 104 -12.55 -9.39 -1.94
CA ASP A 104 -12.18 -10.42 -1.00
C ASP A 104 -13.31 -10.80 -0.10
N GLY A 105 -14.41 -10.08 -0.10
CA GLY A 105 -15.49 -10.40 0.77
C GLY A 105 -15.09 -10.10 2.19
N SER A 106 -14.25 -9.08 2.44
CA SER A 106 -13.83 -8.73 3.74
C SER A 106 -14.89 -8.10 4.65
N VAL A 107 -14.74 -8.29 5.97
CA VAL A 107 -15.77 -7.91 6.90
C VAL A 107 -15.42 -6.57 7.59
N MET A 108 -14.19 -6.46 8.06
CA MET A 108 -13.69 -5.36 8.79
C MET A 108 -12.40 -4.90 8.19
N ARG A 109 -12.11 -3.66 8.51
CA ARG A 109 -10.84 -3.03 8.22
C ARG A 109 -10.66 -1.94 9.26
N ARG A 110 -9.53 -1.98 9.99
CA ARG A 110 -9.21 -1.05 11.09
C ARG A 110 -10.34 -1.00 12.14
N GLY A 111 -10.84 -2.18 12.50
CA GLY A 111 -11.86 -2.29 13.54
C GLY A 111 -13.23 -1.71 13.19
N LYS A 112 -13.51 -1.33 11.91
CA LYS A 112 -14.82 -0.86 11.47
C LYS A 112 -15.25 -1.68 10.22
N PRO A 113 -16.51 -1.70 9.90
CA PRO A 113 -16.95 -2.46 8.78
C PRO A 113 -16.34 -1.92 7.51
N CYS A 114 -16.11 -2.82 6.60
CA CYS A 114 -15.69 -2.37 5.23
C CYS A 114 -16.77 -1.46 4.66
N TRP A 115 -16.36 -0.44 3.83
CA TRP A 115 -17.32 0.50 3.28
C TRP A 115 -18.53 -0.16 2.62
N TYR A 116 -18.31 -1.18 1.85
CA TYR A 116 -19.42 -1.78 1.10
C TYR A 116 -20.49 -2.41 2.03
N ARG A 117 -20.05 -2.73 3.24
CA ARG A 117 -20.97 -3.33 4.24
C ARG A 117 -21.79 -2.36 4.95
N PHE A 118 -21.55 -1.04 4.79
CA PHE A 118 -22.38 -0.06 5.48
C PHE A 118 -23.80 -0.19 4.92
N PRO A 119 -24.84 -0.06 5.77
CA PRO A 119 -26.15 -0.41 5.26
C PRO A 119 -26.75 0.35 4.10
N GLY A 120 -26.38 1.59 4.03
CA GLY A 120 -26.84 2.49 2.99
C GLY A 120 -25.85 2.66 1.85
N VAL A 121 -24.84 1.78 1.78
CA VAL A 121 -23.81 1.77 0.71
C VAL A 121 -24.15 0.65 -0.26
N THR A 122 -23.85 -0.59 0.13
CA THR A 122 -23.96 -1.80 -0.65
C THR A 122 -22.91 -1.92 -1.73
N THR A 123 -22.68 -3.13 -2.17
CA THR A 123 -21.69 -3.34 -3.24
C THR A 123 -21.99 -2.47 -4.48
N GLN A 124 -23.25 -2.38 -4.86
CA GLN A 124 -23.59 -1.67 -6.07
C GLN A 124 -23.01 -0.28 -5.99
N CYS A 125 -23.17 0.41 -4.93
CA CYS A 125 -22.62 1.75 -4.86
C CYS A 125 -21.17 1.78 -4.53
N ALA A 126 -20.66 0.86 -3.73
CA ALA A 126 -19.29 0.90 -3.27
C ALA A 126 -18.28 0.71 -4.42
N ILE A 127 -18.58 -0.11 -5.36
CA ILE A 127 -17.66 -0.38 -6.53
C ILE A 127 -17.49 1.04 -7.13
N ASN A 128 -18.57 1.73 -7.39
CA ASN A 128 -18.45 3.06 -8.05
C ASN A 128 -17.86 4.07 -7.14
N ASP A 129 -18.12 4.08 -5.81
CA ASP A 129 -17.45 4.99 -4.86
C ASP A 129 -15.92 4.85 -4.93
N GLY A 130 -15.49 3.60 -5.03
CA GLY A 130 -14.06 3.38 -5.18
C GLY A 130 -13.47 3.91 -6.49
N ILE A 131 -14.25 3.83 -7.54
CA ILE A 131 -13.86 4.49 -8.85
C ILE A 131 -13.75 5.97 -8.64
N ILE A 132 -14.71 6.58 -7.96
CA ILE A 132 -14.68 8.01 -7.75
C ILE A 132 -13.48 8.35 -6.94
N LEU A 133 -13.10 7.62 -5.89
CA LEU A 133 -11.88 7.87 -5.12
C LEU A 133 -10.67 8.04 -6.00
N LYS A 134 -10.53 7.12 -6.96
CA LYS A 134 -9.31 7.25 -7.83
C LYS A 134 -9.48 8.43 -8.80
N SER A 135 -10.68 8.70 -9.27
CA SER A 135 -10.95 9.84 -10.17
C SER A 135 -10.60 11.11 -9.43
N TRP A 136 -10.86 11.20 -8.15
CA TRP A 136 -10.51 12.38 -7.40
C TRP A 136 -9.02 12.65 -7.32
N THR A 137 -8.16 11.61 -7.34
CA THR A 137 -6.69 11.85 -7.40
C THR A 137 -6.34 12.64 -8.62
N GLN A 138 -6.98 12.39 -9.74
CA GLN A 138 -6.76 13.12 -10.98
C GLN A 138 -7.29 14.51 -10.92
N ILE A 139 -8.50 14.66 -10.35
CA ILE A 139 -9.01 16.02 -10.29
C ILE A 139 -8.15 16.87 -9.43
N MET A 140 -7.65 16.40 -8.30
CA MET A 140 -6.70 17.12 -7.44
C MET A 140 -5.53 17.55 -8.24
N ALA A 141 -4.89 16.65 -8.93
CA ALA A 141 -3.69 16.94 -9.65
C ALA A 141 -3.90 18.07 -10.69
N TRP A 142 -4.91 17.90 -11.51
CA TRP A 142 -5.16 18.85 -12.65
C TRP A 142 -5.51 20.22 -12.05
N HIS A 143 -6.19 20.28 -10.91
CA HIS A 143 -6.49 21.59 -10.31
C HIS A 143 -5.29 22.19 -9.68
N TYR A 144 -4.60 21.55 -8.77
CA TYR A 144 -3.57 22.17 -7.90
C TYR A 144 -2.29 22.26 -8.66
N PHE A 145 -2.09 21.35 -9.61
CA PHE A 145 -0.77 21.34 -10.34
C PHE A 145 -0.82 21.80 -11.76
N ALA A 146 -1.93 22.40 -12.16
CA ALA A 146 -2.15 22.84 -13.56
C ALA A 146 -0.95 23.51 -14.26
N ASP A 147 -0.36 24.38 -13.54
CA ASP A 147 0.79 25.05 -14.18
C ASP A 147 2.19 24.66 -13.68
N ARG A 148 2.25 23.53 -12.97
CA ARG A 148 3.51 23.13 -12.36
C ARG A 148 4.42 22.43 -13.38
N PRO A 149 5.72 22.68 -13.27
CA PRO A 149 6.59 22.05 -14.21
C PRO A 149 6.65 20.54 -14.11
N PHE A 150 6.28 20.02 -12.97
CA PHE A 150 6.36 18.59 -12.68
C PHE A 150 5.04 17.89 -13.01
N LEU A 151 4.04 18.56 -13.55
CA LEU A 151 2.73 17.90 -13.78
C LEU A 151 2.86 16.71 -14.63
N LYS A 152 3.55 16.80 -15.76
CA LYS A 152 3.65 15.66 -16.67
C LYS A 152 4.31 14.50 -15.96
N ASP A 153 5.47 14.72 -15.39
CA ASP A 153 6.20 13.65 -14.74
C ASP A 153 5.42 13.00 -13.60
N LEU A 154 4.71 13.82 -12.84
CA LEU A 154 3.91 13.31 -11.70
C LEU A 154 2.79 12.48 -12.26
N LEU A 155 2.06 12.94 -13.23
CA LEU A 155 0.93 12.14 -13.78
C LEU A 155 1.43 10.88 -14.41
N CYS A 156 2.57 10.89 -15.09
CA CYS A 156 3.05 9.67 -15.76
C CYS A 156 3.52 8.65 -14.65
N LEU A 157 4.20 9.09 -13.60
CA LEU A 157 4.62 8.27 -12.47
C LEU A 157 3.37 7.64 -11.81
N PHE A 158 2.32 8.48 -11.53
CA PHE A 158 1.15 8.01 -10.84
C PHE A 158 0.48 6.91 -11.58
N GLN A 159 0.36 7.11 -12.87
N GLN A 159 0.36 7.04 -12.90
CA GLN A 159 -0.23 6.24 -13.82
CA GLN A 159 -0.34 6.07 -13.72
C GLN A 159 0.41 4.83 -13.79
C GLN A 159 0.43 4.74 -13.69
N LYS A 160 1.74 4.84 -13.85
CA LYS A 160 2.53 3.60 -13.90
C LYS A 160 2.47 2.91 -12.56
N VAL A 161 2.46 3.61 -11.45
CA VAL A 161 2.31 3.05 -10.17
C VAL A 161 0.92 2.40 -10.00
N ASP A 162 -0.11 3.08 -10.43
CA ASP A 162 -1.48 2.55 -10.38
C ASP A 162 -1.54 1.23 -11.16
N TYR A 163 -1.04 1.23 -12.36
CA TYR A 163 -1.05 0.09 -13.18
C TYR A 163 -0.25 -1.05 -12.59
N ALA A 164 0.98 -0.82 -12.11
CA ALA A 164 1.74 -1.86 -11.39
C ALA A 164 0.90 -2.46 -10.27
N THR A 165 0.18 -1.64 -9.52
CA THR A 165 -0.57 -2.02 -8.34
C THR A 165 -1.68 -2.96 -8.81
N ALA A 166 -2.43 -2.62 -9.84
CA ALA A 166 -3.51 -3.49 -10.35
C ALA A 166 -2.94 -4.80 -10.87
N VAL A 167 -1.79 -4.77 -11.53
CA VAL A 167 -1.09 -6.02 -11.97
C VAL A 167 -0.73 -6.81 -10.74
N GLY A 168 -0.26 -6.21 -9.67
CA GLY A 168 0.04 -6.85 -8.40
C GLY A 168 -1.20 -7.49 -7.77
N GLN A 169 -2.34 -6.84 -7.88
CA GLN A 169 -3.54 -7.41 -7.38
C GLN A 169 -3.90 -8.68 -8.15
N MET A 170 -3.72 -8.66 -9.47
CA MET A 170 -3.92 -9.87 -10.27
C MET A 170 -2.97 -10.98 -9.83
N TYR A 171 -1.70 -10.67 -9.60
CA TYR A 171 -0.76 -11.68 -9.11
C TYR A 171 -1.20 -12.18 -7.79
N ASP A 172 -1.74 -11.40 -6.86
CA ASP A 172 -2.18 -11.83 -5.54
C ASP A 172 -3.43 -12.72 -5.66
N VAL A 173 -4.38 -12.34 -6.44
CA VAL A 173 -5.70 -13.03 -6.40
C VAL A 173 -5.55 -14.38 -7.06
N THR A 174 -4.53 -14.53 -7.90
CA THR A 174 -4.29 -15.77 -8.67
C THR A 174 -3.08 -16.54 -8.08
N SER A 175 -2.62 -16.23 -6.94
CA SER A 175 -1.36 -16.78 -6.41
C SER A 175 -1.58 -18.26 -5.96
N MET A 176 -2.80 -18.67 -5.74
CA MET A 176 -3.05 -20.03 -5.29
C MET A 176 -3.59 -20.88 -6.38
N CYS A 177 -3.60 -20.43 -7.61
CA CYS A 177 -3.99 -21.22 -8.78
C CYS A 177 -2.71 -21.74 -9.39
N ASP A 178 -2.78 -22.86 -10.12
CA ASP A 178 -1.67 -23.23 -10.98
C ASP A 178 -1.68 -22.39 -12.24
N SER A 179 -0.55 -21.74 -12.57
CA SER A 179 -0.50 -20.90 -13.72
C SER A 179 -0.94 -21.53 -14.98
N ASN A 180 -0.60 -22.80 -15.20
CA ASN A 180 -0.89 -23.39 -16.47
C ASN A 180 -2.38 -23.72 -16.56
N LYS A 181 -3.11 -23.65 -15.44
CA LYS A 181 -4.56 -23.88 -15.50
C LYS A 181 -5.43 -22.61 -15.61
N LEU A 182 -4.82 -21.41 -15.59
CA LEU A 182 -5.59 -20.18 -15.70
C LEU A 182 -6.31 -20.16 -16.97
N ASP A 183 -7.61 -19.85 -16.89
CA ASP A 183 -8.46 -19.95 -18.05
C ASP A 183 -9.81 -19.33 -17.71
N PRO A 184 -10.17 -18.22 -18.38
CA PRO A 184 -11.50 -17.65 -18.09
C PRO A 184 -12.67 -18.57 -18.21
N GLU A 185 -12.55 -19.57 -19.09
CA GLU A 185 -13.68 -20.51 -19.26
C GLU A 185 -13.83 -21.56 -18.20
N VAL A 186 -12.85 -21.79 -17.35
CA VAL A 186 -12.86 -22.96 -16.41
C VAL A 186 -12.68 -22.50 -15.00
N ALA A 187 -13.59 -22.90 -14.10
CA ALA A 187 -13.48 -22.56 -12.71
C ALA A 187 -12.15 -23.03 -12.13
N GLN A 188 -11.51 -22.18 -11.34
CA GLN A 188 -10.13 -22.40 -10.99
C GLN A 188 -9.97 -23.19 -9.74
N PRO A 189 -9.29 -24.38 -9.86
CA PRO A 189 -9.00 -25.12 -8.62
C PRO A 189 -7.83 -24.55 -7.84
N MET A 190 -7.82 -24.72 -6.53
CA MET A 190 -6.62 -24.45 -5.72
C MET A 190 -5.49 -25.37 -6.17
N THR A 191 -4.27 -24.85 -6.27
CA THR A 191 -3.10 -25.74 -6.40
C THR A 191 -3.09 -26.84 -5.38
N THR A 192 -2.60 -28.01 -5.84
CA THR A 192 -2.41 -29.06 -4.87
C THR A 192 -0.94 -29.29 -4.64
N ASP A 193 -0.07 -28.87 -5.53
CA ASP A 193 1.40 -29.06 -5.40
C ASP A 193 2.11 -27.91 -4.66
N PHE A 194 1.49 -26.73 -4.67
CA PHE A 194 2.15 -25.54 -4.10
C PHE A 194 3.51 -25.25 -4.72
N ALA A 195 3.72 -25.67 -5.93
CA ALA A 195 5.00 -25.46 -6.62
C ALA A 195 5.29 -24.01 -6.88
N GLU A 196 4.23 -23.21 -6.97
CA GLU A 196 4.39 -21.78 -7.18
C GLU A 196 4.53 -20.97 -5.87
N PHE A 197 4.60 -21.59 -4.69
CA PHE A 197 4.80 -20.91 -3.45
C PHE A 197 6.31 -20.85 -3.22
N THR A 198 6.98 -19.96 -3.96
CA THR A 198 8.42 -19.81 -3.89
C THR A 198 8.77 -18.39 -3.41
N PRO A 199 10.00 -18.16 -2.98
CA PRO A 199 10.41 -16.81 -2.64
C PRO A 199 10.33 -15.87 -3.85
N ALA A 200 10.72 -16.26 -5.01
CA ALA A 200 10.71 -15.37 -6.13
C ALA A 200 9.33 -15.00 -6.57
N ILE A 201 8.39 -15.98 -6.43
CA ILE A 201 7.03 -15.70 -6.92
C ILE A 201 6.35 -14.82 -5.89
N TYR A 202 6.52 -15.13 -4.60
CA TYR A 202 6.17 -14.25 -3.53
C TYR A 202 6.66 -12.82 -3.68
N LYS A 203 7.92 -12.65 -3.95
CA LYS A 203 8.51 -11.32 -4.12
C LYS A 203 7.87 -10.59 -5.31
N ARG A 204 7.48 -11.30 -6.36
CA ARG A 204 6.80 -10.61 -7.44
C ARG A 204 5.41 -10.14 -7.03
N ILE A 205 4.65 -10.94 -6.30
CA ILE A 205 3.34 -10.53 -5.87
C ILE A 205 3.47 -9.25 -5.08
N VAL A 206 4.37 -9.23 -4.10
CA VAL A 206 4.48 -8.15 -3.16
C VAL A 206 5.07 -6.90 -3.80
N LYS A 207 6.03 -7.10 -4.70
CA LYS A 207 6.63 -5.96 -5.37
C LYS A 207 5.58 -5.11 -6.00
N TYR A 208 4.70 -5.78 -6.76
CA TYR A 208 3.69 -5.08 -7.55
C TYR A 208 2.48 -4.63 -6.70
N LYS A 209 1.99 -5.49 -5.83
CA LYS A 209 0.76 -5.19 -5.16
C LYS A 209 0.87 -4.06 -4.14
N THR A 210 2.04 -3.84 -3.56
CA THR A 210 2.14 -2.85 -2.52
C THR A 210 3.36 -1.92 -2.61
N THR A 211 4.51 -2.42 -3.04
CA THR A 211 5.71 -1.57 -2.89
C THR A 211 5.70 -0.34 -3.80
N PHE A 212 5.10 -0.40 -4.99
CA PHE A 212 5.11 0.73 -5.86
C PHE A 212 4.28 1.83 -5.23
N TYR A 213 3.08 1.56 -4.70
CA TYR A 213 2.23 2.67 -4.19
C TYR A 213 2.57 3.06 -2.75
N THR A 214 3.18 2.16 -1.97
CA THR A 214 3.42 2.41 -0.58
C THR A 214 4.77 3.10 -0.31
N TYR A 215 5.75 2.72 -1.09
CA TYR A 215 7.09 3.29 -0.88
C TYR A 215 7.64 4.00 -2.10
N LEU A 216 7.57 3.47 -3.29
CA LEU A 216 8.15 4.17 -4.42
C LEU A 216 7.42 5.51 -4.66
N LEU A 217 6.12 5.49 -4.72
CA LEU A 217 5.33 6.66 -5.11
C LEU A 217 5.53 7.77 -4.11
N PRO A 218 5.43 7.56 -2.81
CA PRO A 218 5.62 8.67 -1.88
C PRO A 218 7.02 9.24 -1.99
N LEU A 219 8.03 8.40 -2.13
CA LEU A 219 9.43 8.96 -2.23
C LEU A 219 9.59 9.74 -3.47
N VAL A 220 9.18 9.26 -4.62
CA VAL A 220 9.36 9.92 -5.87
C VAL A 220 8.47 11.12 -6.01
N MET A 221 7.28 11.08 -5.43
CA MET A 221 6.41 12.29 -5.46
C MET A 221 7.06 13.40 -4.63
N GLY A 222 7.69 13.09 -3.52
CA GLY A 222 8.41 14.10 -2.71
C GLY A 222 9.54 14.72 -3.53
N LEU A 223 10.24 13.89 -4.28
CA LEU A 223 11.31 14.43 -5.15
C LEU A 223 10.68 15.35 -6.20
N LEU A 224 9.56 14.95 -6.85
CA LEU A 224 9.00 15.71 -7.92
C LEU A 224 8.48 17.07 -7.45
N VAL A 225 7.75 17.17 -6.35
CA VAL A 225 7.24 18.45 -5.89
C VAL A 225 8.35 19.35 -5.39
N SER A 226 9.48 18.76 -5.10
CA SER A 226 10.69 19.50 -4.68
C SER A 226 11.57 19.83 -5.86
N GLU A 227 11.26 19.41 -7.07
CA GLU A 227 12.19 19.59 -8.22
C GLU A 227 13.55 19.07 -7.93
N ALA A 228 13.59 17.89 -7.35
CA ALA A 228 14.85 17.32 -6.79
C ALA A 228 15.15 15.96 -7.41
N ALA A 229 14.49 15.59 -8.47
CA ALA A 229 14.79 14.24 -8.99
C ALA A 229 16.25 14.13 -9.43
N ALA A 230 16.95 15.24 -9.69
CA ALA A 230 18.46 15.12 -9.91
C ALA A 230 19.35 14.99 -8.67
N SER A 231 18.85 15.08 -7.46
CA SER A 231 19.58 14.73 -6.28
C SER A 231 19.65 13.22 -5.99
N VAL A 232 19.10 12.43 -6.90
CA VAL A 232 19.07 11.01 -6.69
C VAL A 232 19.40 10.23 -7.90
N GLU A 233 19.86 9.02 -7.60
CA GLU A 233 20.00 8.00 -8.63
C GLU A 233 18.69 7.13 -8.56
N MET A 234 17.85 7.26 -9.52
CA MET A 234 16.53 6.66 -9.49
C MET A 234 16.58 5.17 -9.37
N ASN A 235 17.61 4.48 -9.99
CA ASN A 235 17.70 3.03 -9.72
C ASN A 235 17.87 2.66 -8.26
N LEU A 236 18.53 3.46 -7.46
CA LEU A 236 18.67 3.19 -6.06
C LEU A 236 17.40 3.43 -5.32
N VAL A 237 16.65 4.45 -5.77
CA VAL A 237 15.40 4.72 -5.06
C VAL A 237 14.42 3.57 -5.30
N GLU A 238 14.39 3.06 -6.50
CA GLU A 238 13.56 1.90 -6.80
C GLU A 238 13.97 0.72 -5.98
N ARG A 239 15.26 0.47 -5.92
CA ARG A 239 15.75 -0.74 -5.22
C ARG A 239 15.39 -0.66 -3.75
N VAL A 240 15.54 0.52 -3.12
CA VAL A 240 15.32 0.58 -1.72
C VAL A 240 13.80 0.53 -1.38
N ALA A 241 13.02 1.15 -2.25
CA ALA A 241 11.56 1.14 -2.11
C ALA A 241 11.08 -0.29 -2.19
N HIS A 242 11.63 -1.05 -3.13
CA HIS A 242 11.09 -2.40 -3.33
C HIS A 242 11.54 -3.26 -2.14
N LEU A 243 12.73 -3.01 -1.60
CA LEU A 243 13.18 -3.76 -0.48
C LEU A 243 12.43 -3.48 0.82
N ILE A 244 12.27 -2.21 1.16
CA ILE A 244 11.54 -1.89 2.34
C ILE A 244 10.05 -2.34 2.26
N GLY A 245 9.52 -2.16 1.08
CA GLY A 245 8.14 -2.57 0.85
C GLY A 245 7.90 -4.04 1.05
N GLU A 246 8.83 -4.86 0.59
CA GLU A 246 8.71 -6.29 0.81
C GLU A 246 8.71 -6.64 2.25
N TYR A 247 9.62 -6.04 3.03
CA TYR A 247 9.66 -6.26 4.48
C TYR A 247 8.34 -5.88 5.17
N PHE A 248 7.82 -4.72 4.78
CA PHE A 248 6.52 -4.29 5.27
C PHE A 248 5.42 -5.34 5.08
N GLN A 249 5.41 -5.93 3.92
CA GLN A 249 4.37 -6.95 3.59
C GLN A 249 4.62 -8.24 4.33
N VAL A 250 5.88 -8.59 4.55
CA VAL A 250 6.20 -9.78 5.33
C VAL A 250 5.67 -9.59 6.71
N GLN A 251 5.92 -8.43 7.30
CA GLN A 251 5.30 -8.15 8.59
C GLN A 251 3.78 -8.29 8.56
N ASP A 252 3.10 -7.73 7.56
CA ASP A 252 1.64 -7.85 7.54
C ASP A 252 1.24 -9.32 7.46
N ASP A 253 1.94 -10.07 6.61
CA ASP A 253 1.64 -11.50 6.50
C ASP A 253 1.78 -12.22 7.81
N VAL A 254 2.81 -11.93 8.58
CA VAL A 254 2.94 -12.58 9.86
C VAL A 254 1.83 -12.16 10.83
N MET A 255 1.48 -10.90 10.82
CA MET A 255 0.42 -10.37 11.71
C MET A 255 -0.96 -10.93 11.36
N ASP A 256 -1.21 -11.25 10.09
CA ASP A 256 -2.48 -11.83 9.71
C ASP A 256 -2.77 -13.12 10.42
N CYS A 257 -1.74 -13.87 10.68
CA CYS A 257 -1.83 -15.19 11.31
C CYS A 257 -1.73 -15.07 12.81
N PHE A 258 -0.85 -14.23 13.30
CA PHE A 258 -0.48 -14.25 14.75
C PHE A 258 -0.83 -13.02 15.62
N THR A 259 -1.26 -11.91 15.07
CA THR A 259 -1.69 -10.73 15.86
C THR A 259 -3.16 -10.94 16.25
N PRO A 260 -3.51 -10.71 17.55
CA PRO A 260 -4.90 -10.88 17.96
C PRO A 260 -5.82 -10.00 17.12
N PRO A 261 -7.02 -10.49 16.82
CA PRO A 261 -7.87 -9.72 15.89
C PRO A 261 -8.18 -8.28 16.37
N GLU A 262 -8.32 -8.10 17.69
CA GLU A 262 -8.56 -6.77 18.29
C GLU A 262 -7.47 -5.73 17.94
N GLN A 263 -6.20 -6.16 17.95
CA GLN A 263 -5.07 -5.28 17.62
C GLN A 263 -4.87 -5.25 16.13
N LEU A 264 -5.12 -6.36 15.46
CA LEU A 264 -4.99 -6.43 13.98
C LEU A 264 -6.05 -5.54 13.27
N GLY A 265 -7.23 -5.35 13.86
CA GLY A 265 -8.31 -4.58 13.26
C GLY A 265 -9.31 -5.42 12.39
N LYS A 266 -9.14 -6.75 12.42
CA LYS A 266 -9.88 -7.68 11.60
C LYS A 266 -9.53 -9.10 12.02
N VAL A 267 -10.32 -10.05 11.53
CA VAL A 267 -10.01 -11.48 11.68
C VAL A 267 -9.21 -11.78 10.38
N GLY A 268 -7.97 -12.25 10.57
CA GLY A 268 -7.10 -12.64 9.47
C GLY A 268 -7.62 -13.93 8.85
N THR A 269 -7.74 -13.97 7.53
CA THR A 269 -8.11 -15.20 6.84
C THR A 269 -7.10 -15.69 5.76
N ASP A 270 -5.82 -15.34 5.83
CA ASP A 270 -4.89 -15.71 4.71
C ASP A 270 -4.83 -17.23 4.56
N ILE A 271 -4.92 -17.94 5.68
CA ILE A 271 -4.91 -19.40 5.60
C ILE A 271 -6.08 -19.98 4.85
N GLU A 272 -7.27 -19.55 5.26
CA GLU A 272 -8.51 -19.99 4.62
C GLU A 272 -8.54 -19.60 3.18
N ASP A 273 -8.01 -18.40 2.89
CA ASP A 273 -8.00 -17.86 1.54
C ASP A 273 -6.91 -18.47 0.63
N ALA A 274 -6.05 -19.35 1.23
CA ALA A 274 -4.95 -20.04 0.51
C ALA A 274 -3.91 -19.05 -0.07
N LYS A 275 -3.70 -17.98 0.66
CA LYS A 275 -2.80 -16.94 0.10
C LYS A 275 -1.34 -17.40 0.09
N CYS A 276 -0.61 -16.89 -0.91
CA CYS A 276 0.80 -17.10 -0.94
C CYS A 276 1.44 -16.09 0.03
N SER A 277 1.45 -16.39 1.30
CA SER A 277 1.98 -15.54 2.33
C SER A 277 3.44 -15.89 2.62
N TRP A 278 4.15 -15.00 3.31
CA TRP A 278 5.52 -15.27 3.65
C TRP A 278 5.58 -16.54 4.54
N LEU A 279 4.61 -16.68 5.43
CA LEU A 279 4.55 -17.86 6.35
C LEU A 279 4.45 -19.15 5.55
N ALA A 280 3.56 -19.20 4.58
CA ALA A 280 3.43 -20.42 3.76
C ALA A 280 4.69 -20.77 2.95
N VAL A 281 5.26 -19.76 2.25
CA VAL A 281 6.41 -19.96 1.45
C VAL A 281 7.61 -20.39 2.37
N THR A 282 7.80 -19.74 3.49
CA THR A 282 8.95 -20.00 4.42
C THR A 282 8.78 -21.41 5.03
N PHE A 283 7.53 -21.71 5.36
CA PHE A 283 7.23 -23.05 5.93
C PHE A 283 7.55 -24.16 4.90
N LEU A 284 7.15 -23.97 3.65
CA LEU A 284 7.43 -24.94 2.62
C LEU A 284 8.89 -25.04 2.28
N GLY A 285 9.62 -23.92 2.48
CA GLY A 285 11.01 -23.93 2.25
C GLY A 285 11.81 -24.68 3.29
N LYS A 286 11.21 -25.07 4.41
CA LYS A 286 11.96 -25.87 5.40
C LYS A 286 11.32 -27.15 5.87
N ALA A 287 10.12 -27.45 5.40
CA ALA A 287 9.34 -28.55 5.94
C ALA A 287 9.90 -29.86 5.44
N ASN A 288 9.68 -30.94 6.21
CA ASN A 288 9.96 -32.28 5.70
C ASN A 288 8.75 -32.86 4.96
N ALA A 289 8.83 -34.10 4.46
CA ALA A 289 7.73 -34.59 3.64
C ALA A 289 6.45 -34.65 4.44
N ALA A 290 6.53 -35.12 5.65
CA ALA A 290 5.27 -35.28 6.43
C ALA A 290 4.58 -33.91 6.73
N GLN A 291 5.37 -32.92 7.05
CA GLN A 291 4.92 -31.51 7.24
C GLN A 291 4.26 -30.95 5.97
N VAL A 292 4.93 -31.16 4.83
CA VAL A 292 4.37 -30.75 3.55
C VAL A 292 3.02 -31.38 3.32
N ALA A 293 2.85 -32.68 3.59
CA ALA A 293 1.60 -33.31 3.35
C ALA A 293 0.51 -32.88 4.31
N GLU A 294 0.87 -32.60 5.53
CA GLU A 294 -0.07 -32.08 6.51
C GLU A 294 -0.52 -30.67 6.09
N PHE A 295 0.44 -29.85 5.66
CA PHE A 295 0.09 -28.55 5.14
C PHE A 295 -0.90 -28.68 4.00
N LYS A 296 -0.63 -29.54 3.07
CA LYS A 296 -1.51 -29.69 1.85
C LYS A 296 -2.94 -30.13 2.30
N ALA A 297 -2.98 -30.99 3.30
CA ALA A 297 -4.29 -31.47 3.67
C ALA A 297 -5.12 -30.44 4.39
N ASN A 298 -4.53 -29.34 4.84
CA ASN A 298 -5.27 -28.46 5.72
C ASN A 298 -5.40 -27.01 5.16
N TYR A 299 -4.53 -26.64 4.21
CA TYR A 299 -4.45 -25.22 3.87
C TYR A 299 -5.61 -24.86 2.92
N GLY A 300 -6.04 -23.59 3.00
CA GLY A 300 -7.04 -23.09 2.05
C GLY A 300 -8.48 -23.59 2.33
N GLU A 301 -8.77 -23.94 3.61
CA GLU A 301 -10.06 -24.42 4.07
C GLU A 301 -10.59 -23.53 5.18
N LYS A 302 -11.90 -23.33 5.10
CA LYS A 302 -12.63 -22.57 6.12
C LYS A 302 -12.69 -23.30 7.47
N ASP A 303 -12.74 -24.61 7.46
CA ASP A 303 -12.82 -25.40 8.70
C ASP A 303 -11.83 -24.89 9.74
N PRO A 304 -12.31 -24.35 10.86
CA PRO A 304 -11.39 -23.86 11.87
C PRO A 304 -10.41 -24.87 12.39
N ALA A 305 -10.82 -26.13 12.43
CA ALA A 305 -9.88 -27.16 12.92
C ALA A 305 -8.66 -27.22 11.95
N LYS A 306 -8.92 -27.07 10.65
CA LYS A 306 -7.83 -27.17 9.63
C LYS A 306 -6.91 -25.94 9.67
N VAL A 307 -7.55 -24.77 9.80
CA VAL A 307 -6.79 -23.56 10.05
C VAL A 307 -5.93 -23.70 11.30
N ALA A 308 -6.47 -24.25 12.41
CA ALA A 308 -5.61 -24.44 13.59
C ALA A 308 -4.45 -25.41 13.34
N VAL A 309 -4.65 -26.46 12.54
CA VAL A 309 -3.57 -27.39 12.15
C VAL A 309 -2.44 -26.59 11.41
N VAL A 310 -2.80 -25.70 10.47
CA VAL A 310 -1.77 -24.87 9.79
C VAL A 310 -1.00 -23.95 10.76
N LYS A 311 -1.72 -23.27 11.65
CA LYS A 311 -1.09 -22.37 12.63
C LYS A 311 -0.15 -23.16 13.54
N ARG A 312 -0.60 -24.33 13.93
CA ARG A 312 0.29 -25.23 14.73
C ARG A 312 1.53 -25.62 13.92
N LEU A 313 1.38 -25.95 12.64
CA LEU A 313 2.55 -26.27 11.84
C LEU A 313 3.53 -25.06 11.81
N TYR A 314 3.00 -23.88 11.58
CA TYR A 314 3.83 -22.69 11.57
C TYR A 314 4.60 -22.48 12.90
N SER A 315 3.90 -22.66 14.02
CA SER A 315 4.47 -22.39 15.34
C SER A 315 5.57 -23.42 15.55
N LYS A 316 5.31 -24.68 15.26
CA LYS A 316 6.32 -25.72 15.54
C LYS A 316 7.58 -25.58 14.67
N ALA A 317 7.48 -24.90 13.51
CA ALA A 317 8.50 -24.81 12.48
C ALA A 317 9.50 -23.70 12.73
N ASN A 318 9.25 -22.95 13.78
CA ASN A 318 10.20 -21.98 14.22
C ASN A 318 10.46 -20.93 13.14
N LEU A 319 9.37 -20.36 12.67
CA LEU A 319 9.44 -19.38 11.62
C LEU A 319 9.92 -18.07 12.16
N GLN A 320 9.81 -17.85 13.46
CA GLN A 320 10.41 -16.64 14.08
C GLN A 320 11.89 -16.56 13.76
N ALA A 321 12.57 -17.68 13.73
CA ALA A 321 14.02 -17.69 13.37
C ALA A 321 14.25 -17.34 11.91
N ASP A 322 13.37 -17.82 11.03
CA ASP A 322 13.58 -17.49 9.63
C ASP A 322 13.32 -15.99 9.50
N PHE A 323 12.38 -15.48 10.29
CA PHE A 323 12.01 -14.04 10.21
C PHE A 323 13.16 -13.14 10.70
N ALA A 324 13.76 -13.54 11.82
CA ALA A 324 14.94 -12.82 12.31
C ALA A 324 16.05 -12.80 11.26
N ALA A 325 16.36 -13.94 10.62
CA ALA A 325 17.36 -14.06 9.55
C ALA A 325 16.99 -13.13 8.38
N TYR A 326 15.69 -13.11 8.03
CA TYR A 326 15.25 -12.24 6.94
C TYR A 326 15.48 -10.76 7.28
N GLU A 327 15.05 -10.38 8.44
CA GLU A 327 15.14 -9.04 9.04
C GLU A 327 16.56 -8.60 9.08
N ALA A 328 17.44 -9.47 9.62
CA ALA A 328 18.85 -9.12 9.51
C ALA A 328 19.41 -8.80 8.14
N GLU A 329 19.07 -9.61 7.17
CA GLU A 329 19.51 -9.38 5.84
C GLU A 329 18.90 -8.08 5.25
N VAL A 330 17.60 -7.86 5.47
CA VAL A 330 17.02 -6.60 5.01
C VAL A 330 17.74 -5.39 5.65
N VAL A 331 18.02 -5.47 6.92
CA VAL A 331 18.77 -4.36 7.63
C VAL A 331 20.07 -4.08 6.92
N ARG A 332 20.83 -5.13 6.62
CA ARG A 332 22.04 -5.01 5.80
C ARG A 332 21.85 -4.32 4.52
N GLU A 333 20.86 -4.74 3.73
CA GLU A 333 20.82 -4.26 2.38
C GLU A 333 20.22 -2.80 2.37
N VAL A 334 19.36 -2.57 3.32
CA VAL A 334 18.66 -1.23 3.33
C VAL A 334 19.77 -0.23 3.76
N GLU A 335 20.61 -0.61 4.70
CA GLU A 335 21.72 0.30 5.16
C GLU A 335 22.71 0.50 4.00
N SER A 336 22.96 -0.51 3.19
CA SER A 336 23.88 -0.37 2.04
C SER A 336 23.31 0.58 0.99
N LEU A 337 21.98 0.51 0.81
CA LEU A 337 21.34 1.40 -0.18
C LEU A 337 21.30 2.82 0.31
N ILE A 338 21.05 3.03 1.58
CA ILE A 338 21.08 4.35 2.17
C ILE A 338 22.47 4.94 1.90
N GLU A 339 23.48 4.11 2.10
CA GLU A 339 24.78 4.71 1.87
C GLU A 339 25.02 5.04 0.48
N GLN A 340 24.62 4.23 -0.50
CA GLN A 340 24.75 4.55 -1.85
C GLN A 340 23.98 5.92 -2.15
N LEU A 341 22.85 6.10 -1.48
CA LEU A 341 21.97 7.33 -1.68
C LEU A 341 22.67 8.62 -1.23
N LYS A 342 23.56 8.52 -0.25
CA LYS A 342 24.47 9.71 0.15
C LYS A 342 25.46 10.17 -0.85
N VAL A 343 25.82 9.36 -1.83
CA VAL A 343 26.77 9.81 -2.88
C VAL A 343 26.17 11.09 -3.53
N LYS A 344 24.86 11.07 -3.75
CA LYS A 344 24.13 12.22 -4.31
C LYS A 344 23.33 13.10 -3.37
N SER A 345 22.72 12.59 -2.32
CA SER A 345 21.94 13.40 -1.35
C SER A 345 21.85 12.85 0.00
N PRO A 346 22.66 13.41 0.91
CA PRO A 346 22.45 13.12 2.29
C PRO A 346 21.06 13.29 2.84
N THR A 347 20.44 14.41 2.45
CA THR A 347 19.11 14.69 2.78
C THR A 347 18.08 13.60 2.39
N PHE A 348 18.11 13.23 1.11
CA PHE A 348 17.18 12.19 0.59
C PHE A 348 17.52 10.91 1.35
N ALA A 349 18.80 10.61 1.51
CA ALA A 349 19.18 9.37 2.28
C ALA A 349 18.59 9.36 3.68
N GLU A 350 18.55 10.51 4.41
CA GLU A 350 17.96 10.57 5.68
C GLU A 350 16.45 10.39 5.68
N SER A 351 15.77 10.93 4.63
CA SER A 351 14.33 10.66 4.56
C SER A 351 14.06 9.17 4.42
N VAL A 352 14.90 8.51 3.62
CA VAL A 352 14.79 7.05 3.43
C VAL A 352 15.06 6.30 4.76
N ALA A 353 16.08 6.75 5.50
CA ALA A 353 16.26 6.28 6.91
C ALA A 353 15.10 6.42 7.78
N VAL A 354 14.36 7.52 7.72
CA VAL A 354 13.23 7.67 8.53
C VAL A 354 12.11 6.70 8.11
N VAL A 355 11.88 6.57 6.79
CA VAL A 355 10.92 5.65 6.24
C VAL A 355 11.25 4.23 6.73
N TRP A 356 12.55 3.88 6.62
CA TRP A 356 12.99 2.61 7.18
C TRP A 356 12.70 2.42 8.68
N GLU A 357 13.03 3.42 9.51
CA GLU A 357 12.78 3.37 10.96
C GLU A 357 11.29 3.21 11.29
N LYS A 358 10.40 3.89 10.55
CA LYS A 358 8.96 3.75 10.78
C LYS A 358 8.45 2.39 10.42
N THR A 359 9.07 1.74 9.44
CA THR A 359 8.68 0.40 9.05
C THR A 359 9.25 -0.63 9.99
N HIS A 360 10.55 -0.59 10.22
CA HIS A 360 11.23 -1.58 11.05
C HIS A 360 10.71 -1.60 12.50
N LYS A 361 10.46 -0.42 13.03
CA LYS A 361 10.14 -0.22 14.46
C LYS A 361 8.78 0.48 14.60
N ARG A 362 7.75 -0.18 14.06
CA ARG A 362 6.32 0.20 14.27
C ARG A 362 5.66 -0.58 15.41
#